data_7NOY
#
_entry.id   7NOY
#
_cell.length_a   70.086
_cell.length_b   70.086
_cell.length_c   95.048
_cell.angle_alpha   90.00
_cell.angle_beta   90.00
_cell.angle_gamma   120.00
#
_symmetry.space_group_name_H-M   'P 31 2 1'
#
loop_
_entity.id
_entity.type
_entity.pdbx_description
1 polymer 'Uncharacterized protein Rv0560c'
2 non-polymer S-ADENOSYL-L-HOMOCYSTEINE
3 non-polymer 1-oxidanylquinolin-4-one
4 non-polymer 'SODIUM ION'
5 water water
#
_entity_poly.entity_id   1
_entity_poly.type   'polypeptide(L)'
_entity_poly.pdbx_seq_one_letter_code
;MGSSHHHHHHHHENLYFQSAGTESLDLEFESAYRGESVAFGEGVRPPWSIGEPQPELAALIVQGKFRGDVLDVGCGEAAI
SLALAERGHTTVGLDLSPAAVELARHEAAKRGLANASFEVADASSFTGYDGRFDTIVDSTLFHSMPVESREGYLQSIVRA
AAPGASYFVLVFDRAAIPEGPINAVTEDELRAAVSKYWIIDEIKPARLYARFPAGFAGMPALLDIREEPNGLQSIGGWLL
SAHLG
;
_entity_poly.pdbx_strand_id   A
#
# COMPACT_ATOMS: atom_id res chain seq x y z
N GLU A 23 8.42 -15.31 -9.63
CA GLU A 23 8.48 -15.56 -8.16
C GLU A 23 8.98 -14.34 -7.35
N SER A 24 9.58 -13.38 -8.05
CA SER A 24 10.10 -12.14 -7.46
C SER A 24 9.76 -11.00 -8.42
N LEU A 25 9.23 -9.89 -7.89
CA LEU A 25 8.85 -8.73 -8.73
C LEU A 25 9.85 -7.58 -8.65
N ASP A 26 10.99 -7.77 -7.98
CA ASP A 26 11.95 -6.68 -7.73
C ASP A 26 12.39 -5.94 -8.99
N LEU A 27 12.78 -6.68 -10.03
CA LEU A 27 13.19 -6.04 -11.27
C LEU A 27 12.04 -5.29 -11.94
N GLU A 28 10.81 -5.86 -11.93
CA GLU A 28 9.64 -5.22 -12.56
C GLU A 28 9.32 -3.90 -11.93
N PHE A 29 9.26 -3.86 -10.60
CA PHE A 29 8.98 -2.59 -9.92
C PHE A 29 10.10 -1.58 -10.18
N GLU A 30 11.36 -1.99 -10.05
CA GLU A 30 12.49 -1.07 -10.33
C GLU A 30 12.40 -0.44 -11.75
N SER A 31 12.11 -1.27 -12.77
CA SER A 31 11.94 -0.83 -14.16
C SER A 31 10.74 0.15 -14.33
N ALA A 32 9.57 -0.20 -13.75
CA ALA A 32 8.36 0.63 -13.82
C ALA A 32 8.60 2.03 -13.21
N TYR A 33 9.36 2.10 -12.09
CA TYR A 33 9.65 3.40 -11.48
C TYR A 33 10.66 4.22 -12.26
N ARG A 34 11.56 3.53 -12.96
CA ARG A 34 12.56 4.21 -13.80
C ARG A 34 11.97 4.70 -15.14
N GLY A 35 10.72 4.34 -15.44
CA GLY A 35 10.01 4.72 -16.65
C GLY A 35 10.37 3.92 -17.87
N GLU A 36 10.71 2.62 -17.68
CA GLU A 36 11.10 1.69 -18.75
C GLU A 36 10.19 0.47 -18.81
N ARG A 45 5.09 6.16 -17.00
CA ARG A 45 4.86 6.12 -15.55
C ARG A 45 3.99 4.93 -15.10
N PRO A 46 4.23 4.36 -13.88
CA PRO A 46 3.42 3.20 -13.46
C PRO A 46 1.93 3.56 -13.35
N PRO A 47 1.03 2.65 -13.80
CA PRO A 47 -0.42 2.94 -13.74
C PRO A 47 -0.94 3.28 -12.33
N TRP A 48 -0.36 2.66 -11.28
CA TRP A 48 -0.79 2.86 -9.88
C TRP A 48 -0.28 4.17 -9.28
N SER A 49 0.67 4.84 -9.95
CA SER A 49 1.20 6.12 -9.47
C SER A 49 0.27 7.23 -9.97
N ILE A 50 -0.93 7.31 -9.34
CA ILE A 50 -2.05 8.17 -9.73
C ILE A 50 -1.91 9.63 -9.29
N GLY A 51 -0.83 9.95 -8.58
CA GLY A 51 -0.52 11.30 -8.14
C GLY A 51 -1.39 11.84 -7.03
N GLU A 52 -2.05 10.93 -6.31
CA GLU A 52 -2.91 11.25 -5.16
C GLU A 52 -3.00 9.96 -4.38
N PRO A 53 -3.36 9.98 -3.08
CA PRO A 53 -3.53 8.70 -2.38
C PRO A 53 -4.68 7.96 -3.05
N GLN A 54 -4.64 6.64 -2.92
CA GLN A 54 -5.73 5.80 -3.40
C GLN A 54 -7.05 6.30 -2.78
N PRO A 55 -8.09 6.55 -3.62
CA PRO A 55 -9.35 7.10 -3.10
C PRO A 55 -9.94 6.40 -1.89
N GLU A 56 -9.85 5.05 -1.81
CA GLU A 56 -10.41 4.33 -0.66
C GLU A 56 -9.70 4.70 0.63
N LEU A 57 -8.40 4.97 0.53
CA LEU A 57 -7.58 5.36 1.68
C LEU A 57 -7.73 6.83 2.03
N ALA A 58 -7.93 7.73 1.00
CA ALA A 58 -8.15 9.17 1.26
C ALA A 58 -9.42 9.29 2.08
N ALA A 59 -10.42 8.44 1.76
CA ALA A 59 -11.71 8.42 2.45
C ALA A 59 -11.49 8.16 3.95
N LEU A 60 -10.53 7.26 4.31
CA LEU A 60 -10.24 7.00 5.74
C LEU A 60 -9.52 8.18 6.40
N ILE A 61 -8.63 8.84 5.66
CA ILE A 61 -7.92 10.03 6.17
C ILE A 61 -8.93 11.13 6.59
N VAL A 62 -9.90 11.46 5.71
CA VAL A 62 -10.90 12.50 6.01
C VAL A 62 -11.79 12.10 7.20
N GLN A 63 -11.98 10.80 7.45
CA GLN A 63 -12.75 10.28 8.60
C GLN A 63 -11.93 10.36 9.92
N GLY A 64 -10.68 10.83 9.84
CA GLY A 64 -9.78 10.98 10.99
C GLY A 64 -9.14 9.68 11.47
N LYS A 65 -9.13 8.66 10.62
CA LYS A 65 -8.59 7.34 10.99
C LYS A 65 -7.06 7.28 11.08
N PHE A 66 -6.36 8.22 10.44
CA PHE A 66 -4.89 8.28 10.45
C PHE A 66 -4.43 9.14 11.62
N ARG A 67 -3.59 8.55 12.46
CA ARG A 67 -3.13 9.09 13.74
CA ARG A 67 -3.10 9.26 13.64
C ARG A 67 -1.62 9.05 13.91
N GLY A 68 -1.06 10.07 14.57
CA GLY A 68 0.34 10.15 14.97
C GLY A 68 1.34 9.87 13.90
N ASP A 69 2.44 9.16 14.27
CA ASP A 69 3.52 8.81 13.32
C ASP A 69 3.04 7.67 12.42
N VAL A 70 3.15 7.88 11.09
CA VAL A 70 2.64 6.93 10.09
C VAL A 70 3.75 6.20 9.34
N LEU A 71 3.55 4.90 9.11
CA LEU A 71 4.41 4.12 8.25
C LEU A 71 3.61 3.79 6.96
N ASP A 72 4.16 4.15 5.82
CA ASP A 72 3.59 3.89 4.49
C ASP A 72 4.46 2.73 3.97
N VAL A 73 3.95 1.49 4.12
CA VAL A 73 4.75 0.33 3.85
C VAL A 73 4.56 -0.12 2.37
N GLY A 74 5.68 -0.26 1.64
CA GLY A 74 5.69 -0.50 0.20
C GLY A 74 5.16 0.78 -0.44
N CYS A 75 5.73 1.92 -0.02
CA CYS A 75 5.25 3.27 -0.32
C CYS A 75 5.24 3.65 -1.79
N GLY A 76 6.11 3.07 -2.60
CA GLY A 76 6.23 3.49 -4.00
C GLY A 76 6.54 4.98 -4.09
N GLU A 77 5.80 5.75 -4.96
CA GLU A 77 6.01 7.20 -5.09
C GLU A 77 5.41 8.00 -3.91
N ALA A 78 4.71 7.26 -3.01
CA ALA A 78 4.24 7.69 -1.70
C ALA A 78 3.30 8.91 -1.70
N ALA A 79 2.32 8.95 -2.61
CA ALA A 79 1.35 10.05 -2.60
C ALA A 79 0.63 10.16 -1.24
N ILE A 80 0.32 9.00 -0.59
CA ILE A 80 -0.33 9.02 0.73
C ILE A 80 0.63 9.59 1.84
N SER A 81 1.93 9.21 1.84
CA SER A 81 2.91 9.79 2.79
C SER A 81 2.93 11.33 2.65
N LEU A 82 2.97 11.84 1.42
CA LEU A 82 3.03 13.28 1.15
C LEU A 82 1.79 13.99 1.61
N ALA A 83 0.61 13.40 1.36
CA ALA A 83 -0.66 13.96 1.82
C ALA A 83 -0.69 14.05 3.36
N LEU A 84 -0.23 12.99 4.05
CA LEU A 84 -0.22 12.97 5.53
C LEU A 84 0.83 13.91 6.11
N ALA A 85 2.00 14.01 5.46
CA ALA A 85 3.05 14.93 5.91
C ALA A 85 2.55 16.40 5.77
N GLU A 86 1.78 16.70 4.70
CA GLU A 86 1.17 18.04 4.48
C GLU A 86 0.14 18.34 5.57
N ARG A 87 -0.47 17.31 6.14
CA ARG A 87 -1.49 17.47 7.19
C ARG A 87 -0.85 17.59 8.58
N GLY A 88 0.46 17.43 8.68
CA GLY A 88 1.16 17.55 9.96
C GLY A 88 1.70 16.27 10.59
N HIS A 89 1.49 15.08 9.95
CA HIS A 89 2.02 13.81 10.49
C HIS A 89 3.50 13.69 10.16
N THR A 90 4.30 13.12 11.08
CA THR A 90 5.69 12.71 10.76
C THR A 90 5.47 11.35 10.08
N THR A 91 5.95 11.19 8.86
CA THR A 91 5.73 9.97 8.05
C THR A 91 7.04 9.30 7.65
N VAL A 92 7.02 7.96 7.56
CA VAL A 92 8.16 7.16 7.07
C VAL A 92 7.56 6.25 5.97
N GLY A 93 8.20 6.25 4.80
CA GLY A 93 7.85 5.38 3.70
C GLY A 93 8.96 4.37 3.45
N LEU A 94 8.64 3.09 3.36
CA LEU A 94 9.64 2.04 3.10
C LEU A 94 9.31 1.33 1.77
N ASP A 95 10.30 1.12 0.91
CA ASP A 95 10.05 0.40 -0.34
C ASP A 95 11.29 -0.38 -0.69
N LEU A 96 11.12 -1.54 -1.31
CA LEU A 96 12.25 -2.37 -1.73
C LEU A 96 12.94 -1.78 -2.95
N SER A 97 12.23 -0.96 -3.71
CA SER A 97 12.74 -0.33 -4.92
C SER A 97 13.51 0.96 -4.64
N PRO A 98 14.86 0.99 -4.87
CA PRO A 98 15.61 2.26 -4.74
C PRO A 98 15.04 3.38 -5.63
N ALA A 99 14.54 3.06 -6.87
CA ALA A 99 13.95 4.09 -7.72
C ALA A 99 12.69 4.70 -7.07
N ALA A 100 11.81 3.87 -6.43
CA ALA A 100 10.58 4.35 -5.73
C ALA A 100 10.97 5.30 -4.61
N VAL A 101 11.95 4.90 -3.77
CA VAL A 101 12.45 5.72 -2.66
C VAL A 101 13.00 7.08 -3.16
N GLU A 102 13.78 7.05 -4.24
CA GLU A 102 14.33 8.27 -4.80
C GLU A 102 13.21 9.20 -5.31
N LEU A 103 12.20 8.64 -5.99
CA LEU A 103 11.07 9.41 -6.49
C LEU A 103 10.26 10.03 -5.36
N ALA A 104 10.03 9.25 -4.28
CA ALA A 104 9.29 9.72 -3.11
C ALA A 104 10.04 10.88 -2.42
N ARG A 105 11.38 10.71 -2.25
CA ARG A 105 12.24 11.75 -1.66
C ARG A 105 12.26 12.99 -2.55
N HIS A 106 12.30 12.79 -3.90
CA HIS A 106 12.35 13.91 -4.86
C HIS A 106 11.05 14.72 -4.78
N GLU A 107 9.91 14.05 -4.69
CA GLU A 107 8.60 14.71 -4.57
C GLU A 107 8.43 15.46 -3.23
N ALA A 108 8.85 14.86 -2.11
CA ALA A 108 8.81 15.55 -0.82
C ALA A 108 9.69 16.83 -0.85
N ALA A 109 10.90 16.75 -1.47
CA ALA A 109 11.82 17.89 -1.56
C ALA A 109 11.25 19.02 -2.45
N LYS A 110 10.60 18.66 -3.58
CA LYS A 110 9.97 19.66 -4.46
C LYS A 110 8.90 20.45 -3.68
N ARG A 111 8.15 19.74 -2.81
CA ARG A 111 7.10 20.30 -1.94
C ARG A 111 7.61 20.98 -0.68
N GLY A 112 8.89 20.83 -0.37
CA GLY A 112 9.51 21.41 0.82
C GLY A 112 9.04 20.77 2.11
N LEU A 113 8.81 19.45 2.08
CA LEU A 113 8.34 18.73 3.27
C LEU A 113 9.51 18.28 4.15
N ALA A 114 9.44 18.59 5.44
CA ALA A 114 10.51 18.17 6.36
C ALA A 114 10.09 16.92 7.15
N ASN A 115 8.78 16.69 7.22
CA ASN A 115 8.07 15.65 7.97
C ASN A 115 8.16 14.25 7.38
N ALA A 116 8.47 14.14 6.06
CA ALA A 116 8.43 12.87 5.34
C ALA A 116 9.82 12.32 5.06
N SER A 117 10.07 11.07 5.46
CA SER A 117 11.34 10.39 5.23
C SER A 117 11.08 9.05 4.53
N PHE A 118 12.08 8.55 3.80
CA PHE A 118 11.92 7.32 3.04
C PHE A 118 13.18 6.49 3.16
N GLU A 119 13.03 5.16 3.18
CA GLU A 119 14.21 4.28 3.24
C GLU A 119 13.97 3.06 2.39
N VAL A 120 15.04 2.52 1.81
CA VAL A 120 14.98 1.25 1.07
C VAL A 120 14.96 0.13 2.12
N ALA A 121 13.90 -0.69 2.10
CA ALA A 121 13.73 -1.78 3.07
C ALA A 121 12.84 -2.87 2.50
N ASP A 122 13.04 -4.12 2.97
CA ASP A 122 12.18 -5.24 2.61
C ASP A 122 11.11 -5.30 3.72
N ALA A 123 9.84 -5.04 3.37
CA ALA A 123 8.71 -5.03 4.28
C ALA A 123 8.54 -6.38 4.99
N SER A 124 8.96 -7.48 4.36
CA SER A 124 8.87 -8.82 4.93
C SER A 124 9.93 -9.11 5.99
N SER A 125 10.96 -8.25 6.09
CA SER A 125 12.08 -8.46 7.03
C SER A 125 12.87 -7.14 7.24
N PHE A 126 12.34 -6.28 8.12
CA PHE A 126 12.98 -5.01 8.48
C PHE A 126 12.86 -4.81 9.99
N THR A 127 13.77 -4.00 10.55
CA THR A 127 13.81 -3.63 11.97
C THR A 127 14.24 -2.15 12.07
N GLY A 128 14.49 -1.68 13.29
CA GLY A 128 14.98 -0.33 13.55
C GLY A 128 13.90 0.69 13.86
N TYR A 129 12.65 0.24 13.89
CA TYR A 129 11.49 1.07 14.15
C TYR A 129 10.61 0.49 15.27
N ASP A 130 11.21 -0.19 16.26
CA ASP A 130 10.44 -0.80 17.35
C ASP A 130 9.49 0.18 18.06
N GLY A 131 8.19 -0.16 18.04
CA GLY A 131 7.10 0.59 18.66
C GLY A 131 6.92 2.02 18.19
N ARG A 132 7.39 2.32 16.99
CA ARG A 132 7.37 3.68 16.46
C ARG A 132 6.04 4.22 15.98
N PHE A 133 5.29 3.44 15.22
CA PHE A 133 4.13 3.98 14.50
C PHE A 133 2.76 3.74 15.11
N ASP A 134 1.92 4.78 15.02
CA ASP A 134 0.53 4.80 15.49
C ASP A 134 -0.43 4.39 14.38
N THR A 135 0.00 4.52 13.10
CA THR A 135 -0.80 4.08 11.93
C THR A 135 0.13 3.48 10.92
N ILE A 136 -0.22 2.31 10.40
CA ILE A 136 0.54 1.62 9.36
C ILE A 136 -0.42 1.42 8.19
N VAL A 137 -0.03 1.89 7.01
CA VAL A 137 -0.89 1.77 5.83
C VAL A 137 -0.15 0.99 4.75
N ASP A 138 -0.84 0.02 4.16
CA ASP A 138 -0.38 -0.83 3.08
C ASP A 138 -1.29 -0.49 1.92
N SER A 139 -0.78 0.36 1.00
CA SER A 139 -1.52 0.75 -0.20
C SER A 139 -1.02 -0.13 -1.35
N THR A 140 -1.61 -1.34 -1.46
CA THR A 140 -1.40 -2.32 -2.54
C THR A 140 -0.04 -3.06 -2.47
N LEU A 141 0.67 -2.93 -1.33
CA LEU A 141 1.89 -3.74 -1.16
C LEU A 141 1.54 -5.23 -0.93
N PHE A 142 0.46 -5.48 -0.16
CA PHE A 142 0.07 -6.80 0.32
C PHE A 142 0.18 -7.91 -0.73
N HIS A 143 -0.37 -7.70 -1.95
CA HIS A 143 -0.37 -8.69 -3.02
C HIS A 143 0.92 -8.69 -3.87
N SER A 144 1.83 -7.73 -3.60
CA SER A 144 3.09 -7.50 -4.32
C SER A 144 4.28 -8.28 -3.75
N MET A 145 3.99 -9.15 -2.78
CA MET A 145 5.04 -10.01 -2.20
C MET A 145 4.56 -11.46 -2.26
N PRO A 146 5.49 -12.45 -2.16
CA PRO A 146 5.06 -13.85 -2.17
C PRO A 146 4.18 -14.18 -0.96
N VAL A 147 3.27 -15.15 -1.14
CA VAL A 147 2.39 -15.63 -0.05
C VAL A 147 3.23 -15.97 1.17
N GLU A 148 4.37 -16.68 0.98
CA GLU A 148 5.28 -17.14 2.04
C GLU A 148 5.94 -16.02 2.85
N SER A 149 5.97 -14.77 2.31
CA SER A 149 6.57 -13.59 2.94
C SER A 149 5.59 -12.85 3.86
N ARG A 150 4.30 -13.22 3.83
CA ARG A 150 3.26 -12.53 4.61
C ARG A 150 3.51 -12.54 6.12
N GLU A 151 3.89 -13.72 6.66
CA GLU A 151 4.18 -13.89 8.10
C GLU A 151 5.33 -13.00 8.53
N GLY A 152 6.38 -12.90 7.72
CA GLY A 152 7.53 -12.06 8.05
C GLY A 152 7.18 -10.58 8.04
N TYR A 153 6.38 -10.19 7.06
CA TYR A 153 5.87 -8.84 6.88
C TYR A 153 4.99 -8.46 8.05
N LEU A 154 4.06 -9.36 8.44
CA LEU A 154 3.13 -9.07 9.54
C LEU A 154 3.84 -8.97 10.86
N GLN A 155 4.85 -9.82 11.09
CA GLN A 155 5.65 -9.72 12.33
C GLN A 155 6.49 -8.44 12.30
N SER A 156 7.00 -8.03 11.11
CA SER A 156 7.82 -6.82 11.02
C SER A 156 7.03 -5.55 11.36
N ILE A 157 5.81 -5.43 10.79
CA ILE A 157 4.97 -4.24 11.03
C ILE A 157 4.43 -4.20 12.45
N VAL A 158 4.08 -5.37 13.03
N VAL A 158 4.07 -5.37 13.06
CA VAL A 158 3.61 -5.41 14.43
CA VAL A 158 3.61 -5.35 14.46
C VAL A 158 4.74 -4.95 15.36
C VAL A 158 4.75 -4.92 15.37
N ARG A 159 5.99 -5.38 15.09
CA ARG A 159 7.17 -5.00 15.89
C ARG A 159 7.41 -3.46 15.79
N ALA A 160 7.11 -2.89 14.60
CA ALA A 160 7.24 -1.45 14.34
C ALA A 160 6.07 -0.61 14.88
N ALA A 161 5.01 -1.26 15.41
CA ALA A 161 3.79 -0.60 15.91
C ALA A 161 3.85 -0.18 17.36
N ALA A 162 3.36 1.04 17.63
CA ALA A 162 3.21 1.60 18.96
C ALA A 162 1.98 0.94 19.57
N PRO A 163 1.84 0.92 20.92
CA PRO A 163 0.61 0.35 21.49
C PRO A 163 -0.63 1.05 20.94
N GLY A 164 -1.64 0.27 20.61
CA GLY A 164 -2.92 0.76 20.10
C GLY A 164 -2.85 1.27 18.68
N ALA A 165 -1.83 0.86 17.90
CA ALA A 165 -1.75 1.30 16.51
C ALA A 165 -2.90 0.81 15.62
N SER A 166 -3.21 1.59 14.58
CA SER A 166 -4.19 1.21 13.55
C SER A 166 -3.43 0.68 12.33
N TYR A 167 -4.08 -0.19 11.57
CA TYR A 167 -3.52 -0.81 10.36
C TYR A 167 -4.59 -0.83 9.27
N PHE A 168 -4.23 -0.32 8.07
CA PHE A 168 -5.13 -0.29 6.93
C PHE A 168 -4.46 -0.94 5.73
N VAL A 169 -5.21 -1.83 5.05
CA VAL A 169 -4.73 -2.55 3.88
C VAL A 169 -5.71 -2.39 2.74
N LEU A 170 -5.18 -2.06 1.57
CA LEU A 170 -5.96 -2.02 0.33
C LEU A 170 -5.24 -3.02 -0.59
N VAL A 171 -5.93 -4.07 -1.02
CA VAL A 171 -5.33 -5.21 -1.72
C VAL A 171 -6.28 -5.73 -2.81
N PHE A 172 -5.72 -6.29 -3.88
CA PHE A 172 -6.54 -6.88 -4.95
C PHE A 172 -7.33 -8.09 -4.45
N ASP A 173 -8.52 -8.27 -5.05
CA ASP A 173 -9.38 -9.40 -4.79
C ASP A 173 -8.96 -10.50 -5.78
N ARG A 174 -8.85 -11.72 -5.27
CA ARG A 174 -8.51 -12.90 -6.05
C ARG A 174 -9.60 -13.16 -7.12
N ALA A 175 -10.85 -12.72 -6.88
CA ALA A 175 -11.89 -12.87 -7.92
C ALA A 175 -11.54 -12.03 -9.17
N ALA A 176 -10.76 -10.93 -9.01
CA ALA A 176 -10.39 -10.02 -10.09
C ALA A 176 -9.00 -10.27 -10.68
N ILE A 177 -8.06 -10.75 -9.85
CA ILE A 177 -6.65 -10.97 -10.23
C ILE A 177 -6.30 -12.43 -9.99
N PRO A 178 -5.92 -13.15 -11.06
CA PRO A 178 -5.72 -14.60 -10.95
C PRO A 178 -4.39 -15.02 -10.31
N GLU A 179 -4.21 -16.33 -10.14
CA GLU A 179 -2.93 -16.86 -9.69
C GLU A 179 -1.88 -16.55 -10.74
N GLY A 180 -0.79 -15.94 -10.29
CA GLY A 180 0.32 -15.56 -11.14
C GLY A 180 1.27 -14.66 -10.38
N PRO A 181 1.82 -13.63 -11.07
CA PRO A 181 2.79 -12.75 -10.40
C PRO A 181 2.22 -11.97 -9.22
N ILE A 182 0.92 -11.69 -9.27
CA ILE A 182 0.26 -10.94 -8.19
C ILE A 182 -0.47 -11.92 -7.26
N ASN A 183 -0.22 -11.79 -5.95
CA ASN A 183 -0.86 -12.67 -4.99
C ASN A 183 -2.08 -12.01 -4.34
N ALA A 184 -3.15 -11.84 -5.16
CA ALA A 184 -4.43 -11.27 -4.73
C ALA A 184 -5.11 -12.24 -3.75
N VAL A 185 -6.03 -11.71 -2.91
CA VAL A 185 -6.61 -12.53 -1.84
C VAL A 185 -8.14 -12.62 -1.89
N THR A 186 -8.67 -13.67 -1.26
CA THR A 186 -10.12 -13.77 -1.05
C THR A 186 -10.31 -13.07 0.31
N GLU A 187 -11.55 -12.73 0.66
CA GLU A 187 -11.85 -12.12 1.97
C GLU A 187 -11.40 -13.06 3.12
N ASP A 188 -11.72 -14.35 3.03
CA ASP A 188 -11.35 -15.34 4.06
C ASP A 188 -9.84 -15.50 4.21
N GLU A 189 -9.09 -15.47 3.08
CA GLU A 189 -7.63 -15.57 3.09
C GLU A 189 -7.03 -14.35 3.78
N LEU A 190 -7.52 -13.14 3.45
CA LEU A 190 -7.03 -11.89 4.04
C LEU A 190 -7.31 -11.88 5.56
N ARG A 191 -8.55 -12.25 5.96
CA ARG A 191 -8.95 -12.35 7.37
CA ARG A 191 -8.93 -12.32 7.38
C ARG A 191 -8.02 -13.33 8.12
N ALA A 192 -7.78 -14.52 7.56
CA ALA A 192 -6.95 -15.53 8.23
C ALA A 192 -5.52 -15.04 8.45
N ALA A 193 -4.96 -14.41 7.43
CA ALA A 193 -3.59 -13.92 7.50
C ALA A 193 -3.43 -12.81 8.52
N VAL A 194 -4.29 -11.77 8.45
CA VAL A 194 -4.15 -10.60 9.27
C VAL A 194 -4.65 -10.81 10.70
N SER A 195 -5.76 -11.57 10.90
CA SER A 195 -6.33 -11.77 12.26
C SER A 195 -5.39 -12.45 13.24
N LYS A 196 -4.32 -13.08 12.72
CA LYS A 196 -3.30 -13.74 13.54
C LYS A 196 -2.48 -12.67 14.31
N TYR A 197 -2.43 -11.43 13.79
CA TYR A 197 -1.57 -10.34 14.25
C TYR A 197 -2.28 -9.10 14.71
N TRP A 198 -3.47 -8.83 14.16
CA TRP A 198 -4.23 -7.63 14.47
C TRP A 198 -5.69 -7.95 14.78
N ILE A 199 -6.36 -7.02 15.45
CA ILE A 199 -7.81 -7.14 15.70
C ILE A 199 -8.46 -6.47 14.50
N ILE A 200 -9.20 -7.26 13.72
CA ILE A 200 -9.87 -6.75 12.51
C ILE A 200 -11.18 -6.07 12.88
N ASP A 201 -11.35 -4.84 12.42
CA ASP A 201 -12.57 -4.06 12.60
C ASP A 201 -13.51 -4.22 11.40
N GLU A 202 -12.95 -4.23 10.19
CA GLU A 202 -13.74 -4.31 8.97
C GLU A 202 -12.94 -4.83 7.78
N ILE A 203 -13.62 -5.58 6.90
CA ILE A 203 -13.10 -5.96 5.60
C ILE A 203 -14.29 -5.70 4.71
N LYS A 204 -14.12 -4.84 3.71
CA LYS A 204 -15.22 -4.60 2.79
C LYS A 204 -14.70 -4.52 1.36
N PRO A 205 -15.56 -4.77 0.35
CA PRO A 205 -15.09 -4.62 -1.05
C PRO A 205 -14.63 -3.18 -1.29
N ALA A 206 -13.63 -3.05 -2.13
CA ALA A 206 -13.02 -1.77 -2.45
C ALA A 206 -12.58 -1.73 -3.91
N ARG A 207 -12.28 -0.53 -4.39
CA ARG A 207 -11.76 -0.31 -5.74
C ARG A 207 -10.30 0.14 -5.63
N LEU A 208 -9.42 -0.44 -6.47
CA LEU A 208 -8.02 -0.03 -6.58
C LEU A 208 -7.91 0.72 -7.91
N TYR A 209 -7.53 2.00 -7.85
CA TYR A 209 -7.49 2.88 -9.03
C TYR A 209 -6.15 2.93 -9.72
N ALA A 210 -6.18 3.13 -11.04
CA ALA A 210 -4.97 3.20 -11.85
C ALA A 210 -5.28 3.87 -13.14
N ARG A 211 -4.24 4.30 -13.86
CA ARG A 211 -4.37 4.87 -15.20
C ARG A 211 -3.64 3.89 -16.11
N PHE A 212 -4.40 2.96 -16.69
CA PHE A 212 -3.83 1.96 -17.58
C PHE A 212 -3.68 2.46 -19.01
N PRO A 213 -2.66 1.96 -19.76
CA PRO A 213 -2.54 2.37 -21.17
C PRO A 213 -3.71 1.83 -21.98
N ALA A 214 -4.00 2.43 -23.16
CA ALA A 214 -5.07 1.96 -24.04
C ALA A 214 -4.79 0.50 -24.45
N GLY A 215 -5.84 -0.32 -24.41
CA GLY A 215 -5.77 -1.72 -24.79
C GLY A 215 -5.09 -2.64 -23.83
N PHE A 216 -4.83 -2.13 -22.60
CA PHE A 216 -4.24 -2.89 -21.52
C PHE A 216 -5.09 -4.14 -21.29
N ALA A 217 -4.41 -5.29 -21.22
CA ALA A 217 -4.99 -6.64 -21.00
C ALA A 217 -5.85 -7.17 -22.17
N GLY A 218 -5.71 -6.56 -23.34
CA GLY A 218 -6.32 -7.04 -24.59
C GLY A 218 -7.70 -6.63 -25.01
N MET A 219 -8.10 -7.15 -26.17
CA MET A 219 -9.40 -6.92 -26.78
C MET A 219 -9.94 -8.18 -27.44
N PRO A 220 -10.87 -8.92 -26.80
CA PRO A 220 -11.46 -8.67 -25.47
C PRO A 220 -10.44 -8.72 -24.34
N ALA A 221 -10.68 -7.90 -23.32
CA ALA A 221 -9.86 -7.79 -22.13
C ALA A 221 -9.92 -9.08 -21.30
N LEU A 222 -8.75 -9.54 -20.83
CA LEU A 222 -8.65 -10.78 -20.01
C LEU A 222 -8.95 -10.53 -18.53
N LEU A 223 -9.01 -9.25 -18.11
CA LEU A 223 -9.35 -8.81 -16.74
C LEU A 223 -10.57 -7.89 -16.81
N ASP A 224 -11.27 -7.76 -15.68
CA ASP A 224 -12.43 -6.90 -15.53
C ASP A 224 -11.89 -5.55 -15.05
N ILE A 225 -11.78 -4.57 -15.98
CA ILE A 225 -11.24 -3.24 -15.68
C ILE A 225 -12.38 -2.25 -15.79
N ARG A 226 -12.74 -1.63 -14.68
CA ARG A 226 -13.85 -0.69 -14.68
C ARG A 226 -13.41 0.70 -15.12
N GLU A 227 -14.16 1.34 -16.04
CA GLU A 227 -13.80 2.68 -16.48
C GLU A 227 -14.40 3.68 -15.50
N GLU A 228 -13.56 4.61 -15.01
CA GLU A 228 -13.98 5.56 -13.98
C GLU A 228 -13.96 7.01 -14.49
N PRO A 229 -14.57 7.96 -13.78
CA PRO A 229 -14.47 9.37 -14.22
C PRO A 229 -13.02 9.86 -14.13
N ASN A 230 -12.70 10.97 -14.80
CA ASN A 230 -11.39 11.62 -14.78
C ASN A 230 -10.24 10.75 -15.34
N GLY A 231 -10.52 10.02 -16.42
CA GLY A 231 -9.59 9.14 -17.13
C GLY A 231 -8.95 8.04 -16.29
N LEU A 232 -9.58 7.67 -15.17
CA LEU A 232 -9.11 6.60 -14.28
C LEU A 232 -9.80 5.27 -14.58
N GLN A 233 -9.20 4.16 -14.12
CA GLN A 233 -9.80 2.83 -14.20
C GLN A 233 -9.69 2.23 -12.81
N SER A 234 -10.47 1.20 -12.52
CA SER A 234 -10.35 0.53 -11.22
C SER A 234 -10.55 -0.97 -11.35
N ILE A 235 -9.94 -1.72 -10.40
CA ILE A 235 -10.03 -3.20 -10.32
C ILE A 235 -10.52 -3.54 -8.89
N GLY A 236 -11.31 -4.60 -8.78
CA GLY A 236 -11.87 -5.07 -7.51
C GLY A 236 -10.82 -5.45 -6.49
N GLY A 237 -11.09 -5.08 -5.24
CA GLY A 237 -10.18 -5.35 -4.13
C GLY A 237 -10.88 -5.38 -2.80
N TRP A 238 -10.09 -5.30 -1.73
CA TRP A 238 -10.61 -5.31 -0.35
C TRP A 238 -9.98 -4.17 0.40
N LEU A 239 -10.74 -3.57 1.32
CA LEU A 239 -10.20 -2.56 2.22
C LEU A 239 -10.34 -3.12 3.63
N LEU A 240 -9.20 -3.35 4.28
CA LEU A 240 -9.19 -3.90 5.63
C LEU A 240 -8.78 -2.82 6.62
N SER A 241 -9.52 -2.76 7.75
CA SER A 241 -9.26 -1.85 8.87
C SER A 241 -9.03 -2.69 10.11
N ALA A 242 -7.89 -2.49 10.76
CA ALA A 242 -7.52 -3.23 11.97
C ALA A 242 -6.80 -2.36 13.00
N HIS A 243 -6.61 -2.90 14.20
CA HIS A 243 -5.90 -2.20 15.27
C HIS A 243 -5.31 -3.18 16.26
N LEU A 244 -4.40 -2.69 17.08
CA LEU A 244 -3.90 -3.43 18.22
C LEU A 244 -4.70 -2.92 19.42
N GLY A 245 -5.21 -3.85 20.22
CA GLY A 245 -6.01 -3.52 21.39
C GLY A 245 -6.15 -4.74 22.30
#